data_7H2M
#
_entry.id   7H2M
#
_cell.length_a   42.723
_cell.length_b   42.723
_cell.length_c   216.992
_cell.angle_alpha   90.00
_cell.angle_beta   90.00
_cell.angle_gamma   90.00
#
_symmetry.space_group_name_H-M   'P 43 2 2'
#
loop_
_entity.id
_entity.type
_entity.pdbx_description
1 polymer 'Serine protease subunit NS2B'
2 polymer 'Serine protease NS3'
3 non-polymer 'DIMETHYL SULFOXIDE'
4 non-polymer (3-fluorophenyl)(piperazin-1-yl)methanone
5 water water
#
loop_
_entity_poly.entity_id
_entity_poly.type
_entity_poly.pdbx_seq_one_letter_code
_entity_poly.pdbx_strand_id
1 'polypeptide(L)' SMGKSVDMYIERAGDITWEKDAEVTGNSPRLDVALDESGDFSLVEE A
2 'polypeptide(L)'
;MKEVKKGETTDGVYRVMTRRLLGSTQVGVGVMQEGVFHTMWHVTKGAALRSGEGRLDPYWGDVKQDLVSYCGPWKLDAAW
DGLSEVQLLAVPPGERAKNIQTLPGIFKTKDGDIGAVALDYPAGTSGSPILDKCGRVIGLYGNGVVIKNGSYVSAITQGK
REEETPVE
;
B
#
loop_
_chem_comp.id
_chem_comp.type
_chem_comp.name
_chem_comp.formula
A1AJ8 non-polymer (3-fluorophenyl)(piperazin-1-yl)methanone 'C11 H13 F N2 O'
DMS non-polymer 'DIMETHYL SULFOXIDE' 'C2 H6 O S'
#
# COMPACT_ATOMS: atom_id res chain seq x y z
N ASP A 7 7.84 13.16 -14.41
CA ASP A 7 9.00 12.76 -13.63
C ASP A 7 8.62 12.73 -12.15
N MET A 8 8.65 11.55 -11.55
CA MET A 8 8.19 11.39 -10.17
C MET A 8 9.27 11.56 -9.10
N TYR A 9 8.85 12.10 -7.94
CA TYR A 9 9.70 12.34 -6.77
C TYR A 9 9.05 11.90 -5.46
N ILE A 10 9.85 11.65 -4.42
CA ILE A 10 9.34 11.23 -3.12
C ILE A 10 9.64 12.25 -2.00
N GLU A 11 8.74 12.30 -1.01
CA GLU A 11 8.83 13.19 0.15
C GLU A 11 8.45 12.38 1.37
N ARG A 12 9.24 12.46 2.46
CA ARG A 12 8.93 11.73 3.67
C ARG A 12 7.60 12.21 4.27
N ALA A 13 6.76 11.28 4.72
CA ALA A 13 5.47 11.65 5.34
C ALA A 13 5.30 11.15 6.76
N GLY A 14 6.26 10.39 7.29
CA GLY A 14 6.19 9.95 8.69
C GLY A 14 6.88 8.65 8.99
N ASP A 15 6.90 8.27 10.28
CA ASP A 15 7.46 7.00 10.73
C ASP A 15 6.42 5.89 10.55
N ILE A 16 6.85 4.64 10.49
CA ILE A 16 5.93 3.51 10.42
C ILE A 16 5.85 2.92 11.82
N THR A 17 4.80 3.27 12.55
N THR A 17 4.80 3.27 12.55
N THR A 17 4.80 3.27 12.55
N THR A 17 4.80 3.27 12.55
CA THR A 17 4.57 2.80 13.92
CA THR A 17 4.61 2.86 13.94
CA THR A 17 4.57 2.80 13.92
CA THR A 17 4.61 2.86 13.94
C THR A 17 3.11 2.48 14.17
C THR A 17 3.13 2.56 14.25
C THR A 17 3.11 2.48 14.17
C THR A 17 3.13 2.56 14.25
N TRP A 18 2.86 1.57 15.10
CA TRP A 18 1.48 1.24 15.50
C TRP A 18 1.09 2.38 16.50
N GLU A 19 -0.14 2.92 16.41
CA GLU A 19 -0.57 3.95 17.35
C GLU A 19 -1.67 3.43 18.26
N LYS A 20 -1.42 3.42 19.58
CA LYS A 20 -2.40 2.92 20.54
C LYS A 20 -3.59 3.86 20.56
N ASP A 21 -4.80 3.30 20.49
CA ASP A 21 -6.04 4.10 20.46
C ASP A 21 -6.12 5.04 19.24
N ALA A 22 -6.04 4.44 18.05
CA ALA A 22 -6.23 5.09 16.75
C ALA A 22 -7.75 4.89 16.39
N GLU A 23 -8.27 5.61 15.38
CA GLU A 23 -9.68 5.47 14.99
C GLU A 23 -9.97 4.03 14.54
N VAL A 24 -10.90 3.33 15.20
CA VAL A 24 -11.21 1.94 14.84
C VAL A 24 -12.46 1.87 13.95
N THR A 25 -12.29 1.61 12.63
CA THR A 25 -13.42 1.56 11.71
C THR A 25 -13.27 0.42 10.65
N GLY A 26 -14.27 0.21 9.80
CA GLY A 26 -14.24 -0.81 8.77
C GLY A 26 -14.73 -2.18 9.18
N ASN A 27 -15.53 -2.81 8.30
CA ASN A 27 -16.03 -4.17 8.49
C ASN A 27 -15.02 -5.24 7.90
N SER A 28 -15.32 -6.55 8.00
CA SER A 28 -14.45 -7.65 7.53
C SER A 28 -15.19 -8.60 6.54
N PRO A 29 -15.41 -8.18 5.29
CA PRO A 29 -16.17 -9.05 4.36
C PRO A 29 -15.37 -10.22 3.79
N ARG A 30 -16.05 -11.36 3.58
CA ARG A 30 -15.43 -12.55 2.98
C ARG A 30 -15.90 -12.60 1.53
N LEU A 31 -14.98 -12.44 0.58
CA LEU A 31 -15.35 -12.31 -0.84
C LEU A 31 -14.63 -13.27 -1.76
N ASP A 32 -15.36 -13.91 -2.68
CA ASP A 32 -14.75 -14.78 -3.68
C ASP A 32 -14.23 -13.86 -4.80
N VAL A 33 -12.91 -13.80 -4.98
CA VAL A 33 -12.32 -12.92 -5.98
C VAL A 33 -11.43 -13.69 -6.99
N ALA A 34 -11.14 -13.05 -8.13
CA ALA A 34 -10.27 -13.60 -9.17
C ALA A 34 -9.18 -12.55 -9.49
N LEU A 35 -7.96 -13.01 -9.74
CA LEU A 35 -6.86 -12.10 -10.06
C LEU A 35 -6.41 -12.40 -11.49
N ASP A 36 -6.52 -11.39 -12.38
CA ASP A 36 -6.21 -11.62 -13.78
C ASP A 36 -4.69 -11.38 -14.11
N GLU A 37 -4.29 -11.67 -15.35
CA GLU A 37 -2.91 -11.49 -15.78
C GLU A 37 -2.45 -10.03 -15.66
N SER A 38 -3.37 -9.06 -15.73
CA SER A 38 -3.00 -7.64 -15.57
C SER A 38 -2.89 -7.17 -14.11
N GLY A 39 -3.08 -8.08 -13.14
CA GLY A 39 -3.02 -7.69 -11.73
C GLY A 39 -4.30 -7.03 -11.21
N ASP A 40 -5.44 -7.25 -11.88
CA ASP A 40 -6.71 -6.67 -11.45
C ASP A 40 -7.58 -7.71 -10.77
N PHE A 41 -8.16 -7.33 -9.62
CA PHE A 41 -9.11 -8.17 -8.91
C PHE A 41 -10.51 -7.93 -9.47
N SER A 42 -11.32 -8.97 -9.43
CA SER A 42 -12.71 -8.89 -9.86
C SER A 42 -13.54 -9.81 -8.97
N LEU A 43 -14.80 -9.44 -8.72
CA LEU A 43 -15.66 -10.28 -7.89
C LEU A 43 -16.23 -11.44 -8.65
N VAL A 44 -16.30 -12.60 -8.00
CA VAL A 44 -16.91 -13.81 -8.57
C VAL A 44 -18.25 -14.06 -7.83
N GLU A 45 -19.28 -14.59 -8.51
CA GLU A 45 -20.57 -14.90 -7.87
C GLU A 45 -21.13 -16.28 -8.28
N GLY B 7 20.42 12.12 -1.37
CA GLY B 7 18.98 11.90 -1.29
C GLY B 7 18.53 11.34 0.04
N GLU B 8 17.20 11.36 0.32
CA GLU B 8 16.69 10.83 1.58
C GLU B 8 16.47 9.31 1.56
N THR B 9 17.15 8.59 2.46
N THR B 9 17.16 8.60 2.46
N THR B 9 17.15 8.59 2.46
N THR B 9 17.16 8.60 2.46
CA THR B 9 17.02 7.14 2.55
CA THR B 9 17.05 7.14 2.57
CA THR B 9 17.02 7.14 2.55
CA THR B 9 17.05 7.14 2.57
C THR B 9 16.57 6.68 3.96
C THR B 9 16.56 6.68 3.95
C THR B 9 16.57 6.68 3.96
C THR B 9 16.56 6.68 3.95
N THR B 10 16.10 7.60 4.81
CA THR B 10 15.64 7.29 6.15
C THR B 10 14.37 6.41 6.06
N ASP B 11 14.31 5.32 6.86
CA ASP B 11 13.14 4.44 6.93
C ASP B 11 11.85 5.25 7.17
N GLY B 12 10.71 4.77 6.68
CA GLY B 12 9.47 5.50 6.84
C GLY B 12 8.54 5.43 5.65
N VAL B 13 7.39 6.11 5.76
CA VAL B 13 6.39 6.17 4.72
C VAL B 13 6.61 7.46 3.92
N TYR B 14 6.49 7.38 2.60
CA TYR B 14 6.76 8.52 1.72
C TYR B 14 5.62 8.75 0.74
N ARG B 15 5.45 9.99 0.31
CA ARG B 15 4.49 10.32 -0.73
C ARG B 15 5.23 10.20 -2.08
N VAL B 16 4.52 9.72 -3.11
CA VAL B 16 5.02 9.65 -4.49
C VAL B 16 4.28 10.75 -5.25
N MET B 17 5.00 11.76 -5.66
CA MET B 17 4.46 12.96 -6.30
C MET B 17 4.94 13.09 -7.76
N THR B 18 4.22 13.89 -8.56
CA THR B 18 4.59 14.27 -9.93
C THR B 18 4.26 15.76 -10.15
N ARG B 19 5.01 16.46 -11.01
CA ARG B 19 4.74 17.84 -11.41
C ARG B 19 4.30 17.94 -12.91
N ARG B 20 3.91 16.80 -13.52
CA ARG B 20 3.50 16.69 -14.93
C ARG B 20 2.12 17.29 -15.16
N LEU B 21 1.19 17.03 -14.23
CA LEU B 21 -0.16 17.57 -14.34
C LEU B 21 -0.25 18.98 -13.67
N LEU B 22 -1.46 19.48 -13.32
CA LEU B 22 -1.64 20.78 -12.68
C LEU B 22 -1.01 20.73 -11.29
N GLY B 23 -0.21 21.73 -10.95
CA GLY B 23 0.48 21.79 -9.65
C GLY B 23 1.27 20.53 -9.32
N SER B 24 1.32 20.16 -8.04
CA SER B 24 1.99 18.94 -7.58
C SER B 24 0.90 17.97 -7.23
N THR B 25 0.89 16.80 -7.86
CA THR B 25 -0.14 15.81 -7.62
C THR B 25 0.43 14.56 -6.97
N GLN B 26 -0.24 14.03 -5.94
CA GLN B 26 0.22 12.81 -5.30
C GLN B 26 -0.41 11.60 -5.99
N VAL B 27 0.41 10.76 -6.62
CA VAL B 27 -0.07 9.57 -7.32
C VAL B 27 -0.07 8.29 -6.47
N GLY B 28 0.59 8.35 -5.32
CA GLY B 28 0.67 7.20 -4.44
C GLY B 28 1.58 7.42 -3.26
N VAL B 29 1.90 6.33 -2.56
CA VAL B 29 2.65 6.24 -1.31
C VAL B 29 3.63 5.05 -1.39
N GLY B 30 4.70 5.09 -0.64
CA GLY B 30 5.65 3.99 -0.56
C GLY B 30 6.31 3.86 0.79
N VAL B 31 7.03 2.75 1.01
CA VAL B 31 7.71 2.45 2.25
C VAL B 31 9.20 2.35 1.99
N MET B 32 10.02 3.06 2.77
CA MET B 32 11.46 2.99 2.67
C MET B 32 11.91 2.07 3.81
N GLN B 33 12.55 0.94 3.51
CA GLN B 33 13.02 0.05 4.57
C GLN B 33 14.33 -0.53 4.10
N GLU B 34 15.35 -0.48 4.98
CA GLU B 34 16.67 -1.03 4.67
C GLU B 34 17.26 -0.54 3.34
N GLY B 35 17.08 0.74 3.04
CA GLY B 35 17.64 1.32 1.83
C GLY B 35 16.90 1.04 0.54
N VAL B 36 15.74 0.32 0.63
CA VAL B 36 14.90 -0.10 -0.47
C VAL B 36 13.53 0.58 -0.42
N PHE B 37 13.10 1.19 -1.55
CA PHE B 37 11.79 1.83 -1.59
C PHE B 37 10.78 0.83 -2.18
N HIS B 38 9.65 0.65 -1.52
CA HIS B 38 8.63 -0.31 -1.93
C HIS B 38 7.32 0.41 -2.27
N THR B 39 6.75 0.16 -3.47
CA THR B 39 5.44 0.78 -3.76
C THR B 39 4.59 -0.19 -4.60
N MET B 40 3.39 0.24 -5.02
CA MET B 40 2.59 -0.57 -5.92
C MET B 40 2.97 -0.19 -7.37
N TRP B 41 2.98 -1.18 -8.28
N TRP B 41 2.99 -1.18 -8.28
N TRP B 41 2.98 -1.18 -8.28
N TRP B 41 2.99 -1.18 -8.28
CA TRP B 41 3.34 -0.98 -9.67
CA TRP B 41 3.33 -1.01 -9.68
CA TRP B 41 3.34 -0.98 -9.67
CA TRP B 41 3.33 -1.01 -9.68
C TRP B 41 2.47 0.05 -10.37
C TRP B 41 2.47 0.04 -10.38
C TRP B 41 2.47 0.05 -10.37
C TRP B 41 2.47 0.04 -10.38
N HIS B 42 1.15 0.04 -10.13
CA HIS B 42 0.25 0.99 -10.79
C HIS B 42 0.50 2.48 -10.40
N VAL B 43 1.28 2.72 -9.34
CA VAL B 43 1.60 4.06 -8.87
C VAL B 43 2.68 4.68 -9.78
N THR B 44 3.80 3.95 -10.01
CA THR B 44 4.94 4.46 -10.80
C THR B 44 5.05 3.95 -12.25
N LYS B 45 4.39 2.84 -12.54
CA LYS B 45 4.45 2.10 -13.81
C LYS B 45 5.90 1.62 -14.12
N GLY B 46 6.73 1.47 -13.10
CA GLY B 46 8.12 1.05 -13.22
C GLY B 46 9.09 2.17 -13.54
N ALA B 47 8.63 3.41 -13.62
CA ALA B 47 9.50 4.55 -13.92
C ALA B 47 10.50 4.86 -12.76
N ALA B 48 11.61 5.54 -13.07
CA ALA B 48 12.59 5.95 -12.06
C ALA B 48 12.00 7.01 -11.13
N LEU B 49 12.57 7.15 -9.92
CA LEU B 49 12.10 8.11 -8.94
C LEU B 49 13.21 9.09 -8.53
N ARG B 50 12.84 10.22 -7.96
CA ARG B 50 13.79 11.24 -7.52
C ARG B 50 13.62 11.49 -5.99
N SER B 51 14.73 11.73 -5.28
CA SER B 51 14.68 12.04 -3.85
C SER B 51 15.73 13.11 -3.64
N GLY B 52 15.33 14.37 -3.75
CA GLY B 52 16.27 15.48 -3.68
C GLY B 52 16.99 15.50 -5.01
N GLU B 53 18.33 15.45 -5.01
CA GLU B 53 19.06 15.33 -6.28
C GLU B 53 19.59 13.89 -6.53
N GLY B 54 19.00 12.90 -5.86
CA GLY B 54 19.37 11.50 -6.00
C GLY B 54 18.36 10.69 -6.79
N ARG B 55 18.83 9.67 -7.52
CA ARG B 55 17.94 8.85 -8.32
C ARG B 55 17.66 7.48 -7.69
N LEU B 56 16.43 6.98 -7.86
CA LEU B 56 16.02 5.67 -7.41
C LEU B 56 15.66 4.87 -8.66
N ASP B 57 16.44 3.85 -9.00
CA ASP B 57 16.15 3.03 -10.17
C ASP B 57 15.40 1.76 -9.74
N PRO B 58 14.41 1.29 -10.54
CA PRO B 58 13.72 0.05 -10.16
C PRO B 58 14.67 -1.14 -10.13
N TYR B 59 14.38 -2.08 -9.25
CA TYR B 59 15.20 -3.27 -9.08
C TYR B 59 14.40 -4.51 -9.43
N TRP B 60 13.17 -4.59 -8.96
CA TRP B 60 12.30 -5.75 -9.18
C TRP B 60 10.89 -5.23 -9.37
N GLY B 61 10.15 -5.83 -10.29
CA GLY B 61 8.76 -5.44 -10.50
C GLY B 61 7.95 -6.61 -10.99
N ASP B 62 6.62 -6.53 -10.78
CA ASP B 62 5.72 -7.59 -11.18
C ASP B 62 4.31 -7.02 -11.30
N VAL B 63 3.80 -6.93 -12.52
CA VAL B 63 2.48 -6.37 -12.79
C VAL B 63 1.38 -7.25 -12.18
N LYS B 64 1.58 -8.59 -12.16
CA LYS B 64 0.52 -9.44 -11.58
C LYS B 64 0.36 -9.26 -10.05
N GLN B 65 1.47 -9.17 -9.32
CA GLN B 65 1.42 -8.91 -7.88
C GLN B 65 1.11 -7.42 -7.60
N ASP B 66 1.34 -6.55 -8.61
CA ASP B 66 1.16 -5.10 -8.59
C ASP B 66 2.15 -4.55 -7.59
N LEU B 67 3.41 -4.98 -7.66
CA LEU B 67 4.43 -4.48 -6.74
C LEU B 67 5.72 -4.07 -7.48
N VAL B 68 6.54 -3.20 -6.84
CA VAL B 68 7.83 -2.78 -7.39
C VAL B 68 8.76 -2.35 -6.25
N SER B 69 10.05 -2.65 -6.36
CA SER B 69 11.04 -2.22 -5.37
C SER B 69 12.12 -1.41 -6.07
N TYR B 70 12.75 -0.51 -5.34
CA TYR B 70 13.78 0.35 -5.90
C TYR B 70 15.05 0.27 -5.04
N CYS B 71 16.24 0.18 -5.69
CA CYS B 71 17.57 0.15 -5.04
C CYS B 71 17.97 -1.23 -4.51
N GLY B 72 17.03 -2.17 -4.44
CA GLY B 72 17.35 -3.50 -3.96
C GLY B 72 16.13 -4.38 -3.96
N PRO B 73 16.31 -5.62 -3.52
CA PRO B 73 15.16 -6.54 -3.48
C PRO B 73 14.11 -6.19 -2.43
N TRP B 74 12.88 -6.67 -2.63
CA TRP B 74 11.77 -6.52 -1.69
C TRP B 74 12.21 -7.00 -0.28
N LYS B 75 12.11 -6.13 0.74
CA LYS B 75 12.54 -6.39 2.12
C LYS B 75 11.38 -6.71 3.09
N LEU B 76 10.13 -6.49 2.67
CA LEU B 76 8.97 -6.66 3.57
C LEU B 76 8.48 -8.12 3.56
N ASP B 77 8.67 -8.86 4.67
CA ASP B 77 8.28 -10.27 4.71
C ASP B 77 7.26 -10.65 5.80
N ALA B 78 6.79 -9.71 6.61
CA ALA B 78 5.82 -10.01 7.65
C ALA B 78 4.43 -10.34 7.03
N ALA B 79 3.63 -11.16 7.71
CA ALA B 79 2.31 -11.53 7.21
C ALA B 79 1.19 -11.31 8.24
N TRP B 80 -0.06 -11.12 7.77
CA TRP B 80 -1.21 -11.01 8.66
C TRP B 80 -1.38 -12.40 9.31
N ASP B 81 -1.58 -12.45 10.64
CA ASP B 81 -1.71 -13.74 11.32
C ASP B 81 -3.10 -14.42 11.10
N GLY B 82 -4.02 -13.72 10.44
CA GLY B 82 -5.35 -14.24 10.14
C GLY B 82 -6.36 -14.07 11.26
N LEU B 83 -5.96 -13.46 12.40
CA LEU B 83 -6.83 -13.29 13.56
C LEU B 83 -6.96 -11.87 14.09
N SER B 84 -5.85 -11.14 14.22
CA SER B 84 -5.83 -9.84 14.87
C SER B 84 -6.04 -8.63 13.98
N GLU B 85 -6.49 -7.52 14.59
CA GLU B 85 -6.65 -6.23 13.91
C GLU B 85 -5.28 -5.71 13.46
N VAL B 86 -5.32 -4.86 12.46
CA VAL B 86 -4.15 -4.27 11.85
C VAL B 86 -4.41 -2.78 11.70
N GLN B 87 -3.36 -1.99 11.35
CA GLN B 87 -3.56 -0.58 11.09
C GLN B 87 -3.14 -0.20 9.67
N LEU B 88 -4.00 0.53 8.97
CA LEU B 88 -3.64 1.11 7.69
C LEU B 88 -3.02 2.45 8.08
N LEU B 89 -1.77 2.68 7.71
CA LEU B 89 -1.12 3.95 7.96
C LEU B 89 -1.38 4.72 6.67
N ALA B 90 -2.60 5.26 6.58
CA ALA B 90 -3.01 6.02 5.40
C ALA B 90 -2.25 7.33 5.23
N VAL B 91 -1.80 7.64 3.99
CA VAL B 91 -1.16 8.91 3.69
C VAL B 91 -1.94 9.54 2.53
N PRO B 92 -3.07 10.20 2.81
CA PRO B 92 -3.90 10.77 1.73
C PRO B 92 -3.33 12.05 1.12
N PRO B 93 -3.71 12.38 -0.12
CA PRO B 93 -3.17 13.59 -0.75
C PRO B 93 -3.46 14.86 0.03
N GLY B 94 -2.43 15.67 0.26
CA GLY B 94 -2.56 16.94 0.98
C GLY B 94 -2.91 16.82 2.46
N GLU B 95 -3.01 15.59 2.98
CA GLU B 95 -3.42 15.38 4.36
C GLU B 95 -2.35 14.61 5.12
N ARG B 96 -2.27 14.81 6.43
CA ARG B 96 -1.27 14.19 7.29
C ARG B 96 -1.41 12.69 7.36
N ALA B 97 -0.30 11.98 7.66
CA ALA B 97 -0.26 10.54 7.86
C ALA B 97 -1.22 10.19 9.02
N LYS B 98 -2.17 9.29 8.79
CA LYS B 98 -3.21 8.93 9.76
C LYS B 98 -3.39 7.40 9.94
N ASN B 99 -3.26 6.87 11.17
CA ASN B 99 -3.46 5.42 11.39
C ASN B 99 -4.95 5.13 11.52
N ILE B 100 -5.41 4.01 10.97
CA ILE B 100 -6.80 3.57 11.06
C ILE B 100 -6.79 2.09 11.37
N GLN B 101 -7.31 1.71 12.51
CA GLN B 101 -7.34 0.33 12.94
C GLN B 101 -8.62 -0.39 12.46
N THR B 102 -8.45 -1.60 11.92
CA THR B 102 -9.54 -2.40 11.39
C THR B 102 -9.25 -3.88 11.51
N LEU B 103 -10.29 -4.74 11.47
CA LEU B 103 -10.06 -6.18 11.44
C LEU B 103 -10.24 -6.57 9.97
N PRO B 104 -9.21 -7.16 9.34
CA PRO B 104 -9.35 -7.52 7.92
C PRO B 104 -10.35 -8.63 7.65
N GLY B 105 -10.99 -8.50 6.50
CA GLY B 105 -11.80 -9.53 5.86
C GLY B 105 -10.88 -10.42 5.04
N ILE B 106 -11.46 -11.23 4.12
CA ILE B 106 -10.69 -12.18 3.32
C ILE B 106 -11.07 -12.13 1.82
N PHE B 107 -10.07 -12.27 0.97
CA PHE B 107 -10.22 -12.42 -0.46
C PHE B 107 -9.94 -13.91 -0.67
N LYS B 108 -10.97 -14.67 -1.04
CA LYS B 108 -10.84 -16.08 -1.27
C LYS B 108 -10.56 -16.26 -2.78
N THR B 109 -9.42 -16.86 -3.16
CA THR B 109 -9.09 -17.07 -4.59
C THR B 109 -8.86 -18.55 -4.89
N LYS B 110 -8.78 -18.94 -6.18
CA LYS B 110 -8.48 -20.31 -6.55
C LYS B 110 -7.03 -20.71 -6.10
N ASP B 111 -6.15 -19.72 -5.86
CA ASP B 111 -4.78 -19.96 -5.42
C ASP B 111 -4.53 -19.75 -3.92
N GLY B 112 -5.60 -19.50 -3.14
CA GLY B 112 -5.45 -19.30 -1.71
C GLY B 112 -6.14 -18.06 -1.15
N ASP B 113 -6.25 -17.99 0.19
CA ASP B 113 -6.88 -16.88 0.92
C ASP B 113 -5.85 -15.75 1.15
N ILE B 114 -6.32 -14.50 1.06
CA ILE B 114 -5.53 -13.27 1.23
C ILE B 114 -6.33 -12.34 2.16
N GLY B 115 -5.66 -11.61 3.05
CA GLY B 115 -6.34 -10.65 3.90
C GLY B 115 -6.83 -9.48 3.06
N ALA B 116 -7.87 -8.80 3.53
CA ALA B 116 -8.41 -7.64 2.83
C ALA B 116 -8.90 -6.58 3.83
N VAL B 117 -8.59 -5.30 3.59
N VAL B 117 -8.62 -5.32 3.56
N VAL B 117 -8.59 -5.30 3.59
N VAL B 117 -8.62 -5.32 3.56
CA VAL B 117 -9.03 -4.22 4.46
CA VAL B 117 -8.98 -4.20 4.41
CA VAL B 117 -9.03 -4.22 4.46
CA VAL B 117 -8.98 -4.20 4.41
C VAL B 117 -10.15 -3.41 3.79
C VAL B 117 -10.15 -3.40 3.78
C VAL B 117 -10.15 -3.41 3.79
C VAL B 117 -10.15 -3.40 3.78
N ALA B 118 -11.27 -3.26 4.50
CA ALA B 118 -12.42 -2.51 3.97
C ALA B 118 -12.37 -1.03 4.39
N LEU B 119 -11.48 -0.28 3.74
CA LEU B 119 -11.30 1.14 4.01
C LEU B 119 -11.22 1.86 2.66
N ASP B 120 -11.95 2.97 2.52
CA ASP B 120 -12.01 3.70 1.25
C ASP B 120 -11.21 4.96 1.35
N TYR B 121 -10.27 5.15 0.42
CA TYR B 121 -9.41 6.32 0.37
C TYR B 121 -9.18 6.76 -1.08
N PRO B 122 -8.78 8.03 -1.33
CA PRO B 122 -8.52 8.44 -2.72
C PRO B 122 -7.50 7.54 -3.42
N ALA B 123 -7.51 7.50 -4.76
CA ALA B 123 -6.59 6.66 -5.52
C ALA B 123 -5.10 6.95 -5.22
N GLY B 124 -4.80 8.22 -4.90
CA GLY B 124 -3.46 8.66 -4.53
C GLY B 124 -2.94 8.16 -3.19
N THR B 125 -3.79 7.44 -2.44
CA THR B 125 -3.39 6.81 -1.18
C THR B 125 -2.76 5.40 -1.47
N SER B 126 -2.83 4.85 -2.70
CA SER B 126 -2.23 3.54 -3.04
C SER B 126 -0.73 3.42 -2.67
N GLY B 127 -0.37 2.34 -1.98
CA GLY B 127 1.00 2.12 -1.54
C GLY B 127 1.22 2.35 -0.05
N SER B 128 0.16 2.81 0.68
CA SER B 128 0.18 3.05 2.13
C SER B 128 0.34 1.72 2.86
N PRO B 129 1.27 1.63 3.82
CA PRO B 129 1.48 0.36 4.50
C PRO B 129 0.39 -0.02 5.47
N ILE B 130 0.25 -1.34 5.63
CA ILE B 130 -0.65 -1.98 6.55
C ILE B 130 0.29 -2.64 7.55
N LEU B 131 0.09 -2.37 8.86
CA LEU B 131 0.98 -2.83 9.91
C LEU B 131 0.36 -3.82 10.88
N ASP B 132 1.20 -4.65 11.52
CA ASP B 132 0.75 -5.51 12.59
C ASP B 132 1.01 -4.76 13.93
N LYS B 133 0.70 -5.38 15.07
CA LYS B 133 0.86 -4.75 16.38
C LYS B 133 2.32 -4.45 16.73
N CYS B 134 3.30 -5.09 16.02
CA CYS B 134 4.71 -4.76 16.25
C CYS B 134 5.22 -3.64 15.36
N GLY B 135 4.36 -3.01 14.57
CA GLY B 135 4.79 -1.97 13.63
C GLY B 135 5.37 -2.52 12.34
N ARG B 136 5.38 -3.85 12.16
CA ARG B 136 5.90 -4.48 10.94
C ARG B 136 4.94 -4.34 9.76
N VAL B 137 5.45 -4.02 8.57
CA VAL B 137 4.63 -3.91 7.37
C VAL B 137 4.25 -5.29 6.83
N ILE B 138 2.97 -5.63 6.95
CA ILE B 138 2.46 -6.92 6.47
C ILE B 138 1.86 -6.80 5.03
N GLY B 139 1.92 -5.60 4.42
CA GLY B 139 1.44 -5.44 3.05
C GLY B 139 1.16 -4.00 2.69
N LEU B 140 0.85 -3.76 1.42
CA LEU B 140 0.51 -2.45 0.88
C LEU B 140 -0.97 -2.42 0.46
N TYR B 141 -1.57 -1.26 0.68
CA TYR B 141 -2.98 -0.94 0.40
C TYR B 141 -3.08 -0.33 -0.97
N GLY B 142 -4.18 -0.60 -1.67
CA GLY B 142 -4.37 0.04 -2.97
C GLY B 142 -4.72 -0.82 -4.19
N ASN B 143 -4.76 -2.16 -4.05
CA ASN B 143 -5.18 -3.00 -5.18
C ASN B 143 -6.32 -3.89 -4.67
N GLY B 144 -7.50 -3.73 -5.26
CA GLY B 144 -8.65 -4.49 -4.80
C GLY B 144 -9.87 -4.41 -5.67
N VAL B 145 -11.04 -4.36 -5.00
CA VAL B 145 -12.30 -4.50 -5.68
C VAL B 145 -13.40 -3.55 -5.16
N VAL B 146 -14.51 -3.43 -5.92
CA VAL B 146 -15.63 -2.56 -5.53
C VAL B 146 -16.88 -3.43 -5.36
N ILE B 147 -17.60 -3.27 -4.23
CA ILE B 147 -18.80 -4.11 -3.98
C ILE B 147 -20.11 -3.35 -4.34
N LYS B 148 -21.30 -4.02 -4.25
CA LYS B 148 -22.64 -3.49 -4.54
C LYS B 148 -22.83 -2.08 -3.99
N ASN B 149 -22.49 -1.88 -2.72
CA ASN B 149 -22.63 -0.64 -1.99
C ASN B 149 -21.76 0.52 -2.49
N GLY B 150 -20.89 0.26 -3.48
CA GLY B 150 -19.96 1.25 -4.00
C GLY B 150 -18.68 1.43 -3.18
N SER B 151 -18.61 0.80 -2.01
N SER B 151 -18.60 0.74 -2.03
N SER B 151 -18.61 0.80 -2.01
N SER B 151 -18.60 0.74 -2.03
CA SER B 151 -17.42 0.90 -1.15
CA SER B 151 -17.45 0.77 -1.13
CA SER B 151 -17.42 0.90 -1.15
CA SER B 151 -17.45 0.77 -1.13
C SER B 151 -16.25 0.08 -1.71
C SER B 151 -16.24 0.04 -1.71
C SER B 151 -16.25 0.08 -1.71
C SER B 151 -16.24 0.04 -1.71
N TYR B 152 -15.03 0.42 -1.28
CA TYR B 152 -13.82 -0.22 -1.75
C TYR B 152 -13.17 -1.20 -0.75
N VAL B 153 -12.81 -2.41 -1.21
CA VAL B 153 -12.09 -3.38 -0.40
C VAL B 153 -10.71 -3.70 -1.05
N SER B 154 -9.62 -3.31 -0.39
CA SER B 154 -8.27 -3.53 -0.89
C SER B 154 -7.68 -4.86 -0.34
N ALA B 155 -6.88 -5.56 -1.13
CA ALA B 155 -6.15 -6.72 -0.64
C ALA B 155 -5.03 -6.22 0.29
N ILE B 156 -4.57 -7.10 1.17
CA ILE B 156 -3.35 -6.82 1.92
C ILE B 156 -2.29 -7.51 0.97
N THR B 157 -1.65 -6.71 0.10
CA THR B 157 -0.66 -7.17 -0.89
C THR B 157 0.76 -7.17 -0.34
N GLN B 158 1.35 -8.36 -0.16
CA GLN B 158 2.72 -8.54 0.32
C GLN B 158 3.60 -9.25 -0.80
N GLY B 159 4.88 -8.86 -0.93
CA GLY B 159 5.83 -9.44 -1.85
C GLY B 159 5.90 -10.95 -1.70
N LYS B 160 5.58 -11.65 -2.84
CA LYS B 160 5.47 -13.09 -3.13
C LYS B 160 4.04 -13.62 -3.04
S DMS C . -8.21 3.65 -4.51
O DMS C . -9.69 3.38 -4.36
C1 DMS C . -7.48 2.50 -5.71
C2 DMS C . -7.28 3.04 -3.09
S DMS D . 8.40 3.65 -17.99
O DMS D . 9.09 2.68 -17.08
C1 DMS D . 9.11 5.30 -17.76
C2 DMS D . 6.81 4.14 -17.26
S DMS E . -8.48 -0.42 -7.58
O DMS E . -7.58 -1.42 -6.94
C1 DMS E . -7.89 0.02 -9.23
C2 DMS E . -10.08 -1.15 -8.07
N1 A1AJ8 F . 15.60 -11.72 -6.35
C4 A1AJ8 F . 11.56 -10.09 -4.30
C5 A1AJ8 F . 11.81 -10.70 -3.08
C6 A1AJ8 F . 12.64 -9.47 -5.14
C7 A1AJ8 F . 13.09 -11.68 -6.23
C8 A1AJ8 F . 14.33 -12.39 -6.77
C10 A1AJ8 F . 14.30 -9.65 -6.94
O A1AJ8 F . 12.89 -8.28 -5.02
C3 A1AJ8 F . 10.24 -9.90 -4.71
C2 A1AJ8 F . 9.19 -10.27 -3.88
C1 A1AJ8 F . 9.43 -10.86 -2.65
C A1AJ8 F . 10.74 -11.06 -2.30
F A1AJ8 F . 10.99 -11.59 -1.07
N A1AJ8 F . 13.29 -10.24 -6.06
C9 A1AJ8 F . 15.66 -10.27 -6.71
S DMS G . -11.51 -12.82 9.73
O DMS G . -10.62 -11.69 10.15
C1 DMS G . -12.05 -12.53 8.02
C2 DMS G . -13.21 -12.50 10.31
#